data_8AII
#
_entry.id   8AII
#
_cell.length_a   62.511
_cell.length_b   65.644
_cell.length_c   108.373
_cell.angle_alpha   90.000
_cell.angle_beta   90.000
_cell.angle_gamma   90.000
#
_symmetry.space_group_name_H-M   'I 21 21 21'
#
loop_
_entity.id
_entity.type
_entity.pdbx_description
1 polymer 'Probable nicotinate-nucleotide adenylyltransferase'
2 non-polymer 'SULFATE ION'
3 non-polymer ADENINE
4 non-polymer 'MAGNESIUM ION'
5 water water
#
_entity_poly.entity_id   1
_entity_poly.type   'polypeptide(L)'
_entity_poly.pdbx_seq_one_letter_code
;NTQAKTFVRSQLFPEEMPQFLEKKKQVGILGGTFNPVHLAHLVMAEQAGRNLGLDRVFLMPSYQPPHVDEKQTIDAKHRL
NMLELAVEDNPFLQIETIELARGGKSYTYDTMKELTQNNPDTDYYFIIGGDMVEYLPKWYKIDELTSMVNFVGIRRPGYT
TDTPYPVIWVDVPEIDISSTKIRQKIKEGCSIRYLVPDKVIDYIQNEGLYEYGL
;
_entity_poly.pdbx_strand_id   A
#
loop_
_chem_comp.id
_chem_comp.type
_chem_comp.name
_chem_comp.formula
ADE non-polymer ADENINE 'C5 H5 N5'
MG non-polymer 'MAGNESIUM ION' 'Mg 2'
SO4 non-polymer 'SULFATE ION' 'O4 S -2'
#
# COMPACT_ATOMS: atom_id res chain seq x y z
N LYS A 24 16.70 -7.63 14.91
CA LYS A 24 15.25 -7.52 14.93
C LYS A 24 14.78 -6.27 14.20
N LYS A 25 14.35 -6.48 12.97
CA LYS A 25 13.92 -5.40 12.09
C LYS A 25 12.45 -5.09 12.32
N GLN A 26 12.08 -3.87 12.00
CA GLN A 26 10.69 -3.43 12.03
C GLN A 26 10.39 -2.87 10.65
N VAL A 27 9.44 -3.48 9.95
CA VAL A 27 9.22 -3.21 8.54
C VAL A 27 7.74 -2.94 8.35
N GLY A 28 7.40 -1.84 7.68
CA GLY A 28 6.03 -1.56 7.30
C GLY A 28 5.64 -2.18 5.97
N ILE A 29 4.35 -2.48 5.84
CA ILE A 29 3.76 -2.95 4.59
C ILE A 29 2.52 -2.11 4.30
N LEU A 30 2.45 -1.53 3.11
CA LEU A 30 1.25 -0.84 2.63
C LEU A 30 0.76 -1.57 1.39
N GLY A 31 -0.38 -2.26 1.52
CA GLY A 31 -0.94 -2.99 0.40
C GLY A 31 -1.88 -2.12 -0.43
N GLY A 32 -2.14 -2.58 -1.64
CA GLY A 32 -2.99 -1.85 -2.57
C GLY A 32 -2.84 -2.44 -3.96
N THR A 33 -3.73 -2.03 -4.85
CA THR A 33 -3.56 -2.36 -6.27
C THR A 33 -2.49 -1.49 -6.92
N PHE A 34 -2.37 -0.23 -6.48
CA PHE A 34 -1.47 0.76 -7.05
C PHE A 34 -1.64 0.83 -8.57
N ASN A 35 -2.83 1.25 -8.98
CA ASN A 35 -3.25 1.20 -10.39
C ASN A 35 -3.83 2.54 -10.81
N PRO A 36 -3.00 3.61 -10.80
CA PRO A 36 -1.56 3.66 -10.55
C PRO A 36 -1.18 4.14 -9.16
N VAL A 37 0.08 3.93 -8.79
CA VAL A 37 0.65 4.56 -7.58
C VAL A 37 0.43 6.07 -7.65
N HIS A 38 0.27 6.73 -6.50
CA HIS A 38 0.03 8.17 -6.49
C HIS A 38 0.48 8.78 -5.17
N LEU A 39 0.30 10.12 -5.05
CA LEU A 39 0.92 10.82 -3.92
C LEU A 39 0.44 10.31 -2.57
N ALA A 40 -0.84 9.91 -2.48
CA ALA A 40 -1.34 9.49 -1.17
C ALA A 40 -0.64 8.22 -0.69
N HIS A 41 -0.34 7.30 -1.63
CA HIS A 41 0.44 6.11 -1.26
C HIS A 41 1.77 6.50 -0.65
N LEU A 42 2.46 7.47 -1.26
CA LEU A 42 3.79 7.85 -0.79
C LEU A 42 3.73 8.56 0.55
N VAL A 43 2.79 9.48 0.73
CA VAL A 43 2.62 10.16 2.01
C VAL A 43 2.24 9.16 3.10
N MET A 44 1.28 8.28 2.83
CA MET A 44 0.84 7.33 3.85
C MET A 44 2.00 6.44 4.28
N ALA A 45 2.74 5.90 3.32
CA ALA A 45 3.84 5.00 3.63
C ALA A 45 4.94 5.73 4.38
N GLU A 46 5.41 6.86 3.83
CA GLU A 46 6.49 7.58 4.49
C GLU A 46 6.09 8.07 5.87
N GLN A 47 4.90 8.66 6.01
CA GLN A 47 4.52 9.25 7.28
C GLN A 47 4.30 8.17 8.35
N ALA A 48 3.54 7.13 8.01
CA ALA A 48 3.31 6.05 8.99
C ALA A 48 4.62 5.42 9.45
N GLY A 49 5.49 5.11 8.50
CA GLY A 49 6.77 4.50 8.86
C GLY A 49 7.66 5.44 9.65
N ARG A 50 7.79 6.70 9.20
CA ARG A 50 8.68 7.61 9.91
C ARG A 50 8.10 7.97 11.27
N ASN A 51 6.79 8.12 11.38
CA ASN A 51 6.25 8.53 12.68
C ASN A 51 6.43 7.41 13.71
N LEU A 52 6.30 6.15 13.29
CA LEU A 52 6.51 5.02 14.18
C LEU A 52 7.97 4.69 14.39
N GLY A 53 8.86 5.22 13.54
CA GLY A 53 10.25 4.85 13.64
C GLY A 53 10.55 3.47 13.08
N LEU A 54 9.78 3.02 12.10
CA LEU A 54 10.08 1.76 11.41
C LEU A 54 11.38 1.89 10.63
N ASP A 55 11.98 0.74 10.28
CA ASP A 55 13.24 0.76 9.51
C ASP A 55 13.02 1.09 8.04
N ARG A 56 11.85 0.75 7.50
CA ARG A 56 11.50 1.00 6.10
C ARG A 56 10.10 0.49 5.92
N VAL A 57 9.49 0.89 4.79
CA VAL A 57 8.12 0.52 4.46
C VAL A 57 8.10 0.02 3.03
N PHE A 58 7.44 -1.12 2.80
CA PHE A 58 7.30 -1.69 1.48
C PHE A 58 5.89 -1.40 0.98
N LEU A 59 5.81 -0.91 -0.26
N LEU A 59 5.79 -0.95 -0.26
CA LEU A 59 4.55 -0.90 -1.00
CA LEU A 59 4.51 -0.90 -0.96
C LEU A 59 4.36 -2.29 -1.60
C LEU A 59 4.32 -2.24 -1.64
N MET A 60 3.21 -2.91 -1.34
CA MET A 60 2.99 -4.30 -1.74
C MET A 60 1.84 -4.41 -2.72
N PRO A 61 2.10 -4.40 -4.02
CA PRO A 61 1.03 -4.48 -5.00
C PRO A 61 0.35 -5.83 -4.93
N SER A 62 -0.97 -5.82 -5.02
CA SER A 62 -1.72 -7.06 -5.02
C SER A 62 -1.77 -7.63 -6.44
N TYR A 63 -2.15 -8.89 -6.55
CA TYR A 63 -2.28 -9.49 -7.87
C TYR A 63 -3.61 -9.10 -8.48
N GLN A 64 -3.57 -8.73 -9.76
CA GLN A 64 -4.73 -8.21 -10.50
C GLN A 64 -5.36 -6.98 -9.83
N THR A 73 -7.94 -3.65 -16.12
CA THR A 73 -6.95 -4.74 -16.02
C THR A 73 -5.73 -4.48 -16.90
N ILE A 74 -4.71 -3.84 -16.34
CA ILE A 74 -3.45 -3.59 -17.03
C ILE A 74 -2.41 -4.53 -16.46
N ASP A 75 -1.40 -4.84 -17.27
CA ASP A 75 -0.42 -5.84 -16.88
C ASP A 75 0.41 -5.37 -15.69
N ALA A 76 0.81 -6.33 -14.86
CA ALA A 76 1.49 -5.99 -13.61
C ALA A 76 2.83 -5.32 -13.88
N LYS A 77 3.43 -5.63 -15.01
CA LYS A 77 4.75 -5.03 -15.30
C LYS A 77 4.63 -3.52 -15.23
N HIS A 78 3.53 -3.00 -15.74
CA HIS A 78 3.33 -1.55 -15.75
C HIS A 78 3.19 -1.00 -14.35
N ARG A 79 2.30 -1.60 -13.55
CA ARG A 79 2.13 -1.19 -12.16
C ARG A 79 3.45 -1.23 -11.41
N LEU A 80 4.26 -2.26 -11.66
CA LEU A 80 5.55 -2.39 -10.96
C LEU A 80 6.54 -1.34 -11.42
N ASN A 81 6.63 -1.09 -12.73
CA ASN A 81 7.51 -0.06 -13.25
C ASN A 81 7.17 1.29 -12.64
N MET A 82 5.88 1.63 -12.58
CA MET A 82 5.47 2.89 -11.99
C MET A 82 5.82 2.94 -10.52
N LEU A 83 5.56 1.84 -9.79
CA LEU A 83 5.91 1.77 -8.38
C LEU A 83 7.40 2.01 -8.18
N GLU A 84 8.24 1.32 -8.95
CA GLU A 84 9.67 1.50 -8.79
C GLU A 84 10.10 2.93 -9.13
N LEU A 85 9.51 3.53 -10.17
CA LEU A 85 9.79 4.95 -10.44
C LEU A 85 9.38 5.82 -9.25
N ALA A 86 8.25 5.51 -8.62
CA ALA A 86 7.71 6.38 -7.58
C ALA A 86 8.58 6.39 -6.33
N VAL A 87 9.18 5.24 -5.96
CA VAL A 87 9.98 5.13 -4.74
C VAL A 87 11.47 5.24 -5.02
N GLU A 88 11.83 5.55 -6.26
CA GLU A 88 13.19 5.42 -6.79
C GLU A 88 14.25 6.04 -5.90
N ASP A 89 13.98 7.26 -5.41
CA ASP A 89 15.02 8.12 -4.86
C ASP A 89 14.97 8.17 -3.35
N ASN A 90 14.53 7.09 -2.72
CA ASN A 90 14.15 7.12 -1.30
C ASN A 90 14.40 5.73 -0.73
N PRO A 91 15.53 5.50 -0.07
CA PRO A 91 15.82 4.17 0.49
C PRO A 91 14.81 3.70 1.50
N PHE A 92 14.02 4.61 2.07
CA PHE A 92 13.04 4.23 3.08
C PHE A 92 11.86 3.50 2.49
N LEU A 93 11.56 3.69 1.21
CA LEU A 93 10.38 3.08 0.62
C LEU A 93 10.85 2.10 -0.45
N GLN A 94 10.31 0.88 -0.39
CA GLN A 94 10.69 -0.19 -1.30
C GLN A 94 9.43 -0.89 -1.79
N ILE A 95 9.60 -1.80 -2.74
CA ILE A 95 8.48 -2.53 -3.35
C ILE A 95 8.60 -4.00 -2.96
N GLU A 96 7.53 -4.56 -2.41
CA GLU A 96 7.44 -5.98 -2.10
C GLU A 96 6.63 -6.63 -3.21
N THR A 97 7.25 -7.52 -3.97
CA THR A 97 6.65 -8.07 -5.18
C THR A 97 6.11 -9.49 -4.99
N ILE A 98 6.12 -10.01 -3.76
CA ILE A 98 5.81 -11.43 -3.58
C ILE A 98 4.41 -11.76 -4.08
N GLU A 99 3.45 -10.84 -3.95
CA GLU A 99 2.09 -11.16 -4.38
C GLU A 99 1.98 -11.21 -5.90
N LEU A 100 2.76 -10.39 -6.61
CA LEU A 100 2.78 -10.47 -8.06
C LEU A 100 3.38 -11.78 -8.53
N ALA A 101 4.34 -12.33 -7.80
CA ALA A 101 5.01 -13.55 -8.25
C ALA A 101 4.18 -14.79 -7.95
N ARG A 102 3.53 -14.83 -6.79
CA ARG A 102 2.82 -16.03 -6.38
C ARG A 102 1.47 -16.16 -7.06
N GLY A 103 0.86 -15.03 -7.45
CA GLY A 103 -0.40 -14.98 -8.17
C GLY A 103 -1.54 -15.62 -7.40
N GLY A 104 -2.53 -16.09 -8.17
CA GLY A 104 -3.60 -16.93 -7.64
C GLY A 104 -4.42 -16.36 -6.51
N LYS A 105 -4.57 -17.15 -5.45
CA LYS A 105 -5.49 -16.75 -4.37
C LYS A 105 -5.08 -15.46 -3.66
N SER A 106 -3.91 -15.46 -3.03
CA SER A 106 -3.39 -14.26 -2.33
C SER A 106 -4.18 -13.76 -1.14
N TYR A 107 -4.58 -14.64 -0.24
CA TYR A 107 -5.10 -14.07 0.99
C TYR A 107 -3.93 -13.49 1.76
N THR A 108 -4.18 -12.35 2.41
N THR A 108 -4.16 -12.34 2.42
CA THR A 108 -3.12 -11.63 3.09
CA THR A 108 -3.05 -11.64 3.05
C THR A 108 -2.44 -12.50 4.12
C THR A 108 -2.44 -12.44 4.20
N TYR A 109 -3.22 -13.32 4.82
CA TYR A 109 -2.66 -14.26 5.79
C TYR A 109 -1.58 -15.13 5.17
N ASP A 110 -1.88 -15.73 4.00
CA ASP A 110 -0.91 -16.57 3.29
C ASP A 110 0.35 -15.78 2.95
N THR A 111 0.17 -14.54 2.50
CA THR A 111 1.30 -13.70 2.13
C THR A 111 2.19 -13.42 3.33
N MET A 112 1.59 -12.95 4.43
CA MET A 112 2.38 -12.65 5.62
C MET A 112 2.98 -13.91 6.23
N LYS A 113 2.31 -15.05 6.06
CA LYS A 113 2.92 -16.31 6.48
C LYS A 113 4.19 -16.60 5.68
N GLU A 114 4.16 -16.40 4.38
CA GLU A 114 5.40 -16.59 3.59
C GLU A 114 6.45 -15.57 4.01
N LEU A 115 6.05 -14.31 4.17
CA LEU A 115 7.05 -13.28 4.48
C LEU A 115 7.67 -13.50 5.85
N THR A 116 6.88 -13.97 6.83
CA THR A 116 7.45 -14.15 8.17
C THR A 116 8.35 -15.37 8.24
N GLN A 117 8.03 -16.43 7.48
CA GLN A 117 8.94 -17.57 7.38
C GLN A 117 10.23 -17.19 6.66
N ASN A 118 10.13 -16.38 5.60
CA ASN A 118 11.34 -15.90 4.93
C ASN A 118 12.18 -14.99 5.82
N ASN A 119 11.56 -14.24 6.72
CA ASN A 119 12.25 -13.24 7.54
C ASN A 119 11.84 -13.40 9.00
N PRO A 120 12.26 -14.49 9.64
CA PRO A 120 11.73 -14.80 10.98
C PRO A 120 12.10 -13.80 12.08
N ASP A 121 13.03 -12.88 11.85
CA ASP A 121 13.38 -11.89 12.87
C ASP A 121 12.88 -10.51 12.51
N THR A 122 11.90 -10.43 11.62
CA THR A 122 11.33 -9.16 11.23
C THR A 122 9.96 -9.03 11.85
N ASP A 123 9.72 -7.90 12.52
CA ASP A 123 8.39 -7.56 13.02
C ASP A 123 7.70 -6.76 11.93
N TYR A 124 6.56 -7.25 11.44
CA TYR A 124 5.88 -6.61 10.34
C TYR A 124 4.76 -5.72 10.88
N TYR A 125 4.67 -4.53 10.30
CA TYR A 125 3.66 -3.52 10.64
C TYR A 125 2.80 -3.33 9.40
N PHE A 126 1.55 -3.82 9.45
CA PHE A 126 0.69 -3.88 8.27
C PHE A 126 -0.23 -2.66 8.30
N ILE A 127 0.03 -1.71 7.41
CA ILE A 127 -0.61 -0.39 7.44
C ILE A 127 -1.87 -0.39 6.59
N ILE A 128 -2.99 0.03 7.21
CA ILE A 128 -4.27 0.13 6.51
C ILE A 128 -4.90 1.49 6.79
N GLY A 129 -5.70 1.95 5.84
CA GLY A 129 -6.44 3.18 6.04
C GLY A 129 -7.50 3.02 7.11
N GLY A 130 -7.76 4.10 7.83
CA GLY A 130 -8.78 4.05 8.87
C GLY A 130 -10.10 3.51 8.37
N ASP A 131 -10.45 3.80 7.11
CA ASP A 131 -11.69 3.29 6.53
C ASP A 131 -11.69 1.77 6.44
N MET A 132 -10.55 1.14 6.26
CA MET A 132 -10.53 -0.33 6.04
C MET A 132 -10.61 -1.08 7.36
N VAL A 133 -10.24 -0.43 8.45
CA VAL A 133 -10.24 -1.11 9.74
C VAL A 133 -11.60 -1.74 10.07
N GLU A 134 -12.68 -1.21 9.50
CA GLU A 134 -14.00 -1.76 9.79
C GLU A 134 -14.16 -3.17 9.23
N TYR A 135 -13.67 -3.42 8.01
CA TYR A 135 -13.85 -4.71 7.37
C TYR A 135 -12.85 -5.77 7.80
N LEU A 136 -12.02 -5.49 8.79
CA LEU A 136 -11.04 -6.47 9.27
C LEU A 136 -11.67 -7.84 9.57
N PRO A 137 -12.93 -7.92 10.00
CA PRO A 137 -13.56 -9.25 10.12
C PRO A 137 -13.68 -10.00 8.79
N LYS A 138 -13.80 -9.31 7.67
CA LYS A 138 -13.89 -10.00 6.39
C LYS A 138 -12.55 -10.61 5.97
N TRP A 139 -11.48 -10.41 6.74
CA TRP A 139 -10.17 -10.89 6.35
C TRP A 139 -10.02 -12.38 6.68
N TYR A 140 -9.51 -13.13 5.70
CA TYR A 140 -9.31 -14.56 5.89
C TYR A 140 -8.32 -14.79 7.03
N LYS A 141 -8.73 -15.63 7.99
CA LYS A 141 -7.93 -15.97 9.17
C LYS A 141 -7.35 -14.72 9.85
N ILE A 142 -8.20 -13.70 10.01
CA ILE A 142 -7.77 -12.47 10.68
C ILE A 142 -7.27 -12.77 12.08
N ASP A 143 -7.87 -13.76 12.75
CA ASP A 143 -7.43 -14.25 14.05
C ASP A 143 -5.93 -14.48 14.06
N GLU A 144 -5.48 -15.45 13.26
CA GLU A 144 -4.05 -15.77 13.15
C GLU A 144 -3.26 -14.57 12.63
N LEU A 145 -3.83 -13.81 11.68
CA LEU A 145 -3.08 -12.73 11.06
C LEU A 145 -2.67 -11.68 12.08
N THR A 146 -3.53 -11.40 13.06
CA THR A 146 -3.19 -10.41 14.09
C THR A 146 -2.15 -10.95 15.06
N SER A 147 -1.98 -12.27 15.15
CA SER A 147 -0.87 -12.80 15.92
C SER A 147 0.42 -12.79 15.11
N MET A 148 0.33 -12.74 13.79
CA MET A 148 1.51 -12.73 12.94
C MET A 148 2.14 -11.35 12.85
N VAL A 149 1.32 -10.32 12.60
CA VAL A 149 1.81 -8.97 12.30
C VAL A 149 1.16 -7.97 13.25
N ASN A 150 1.67 -6.73 13.22
CA ASN A 150 1.10 -5.61 13.96
C ASN A 150 0.32 -4.75 12.97
N PHE A 151 -1.00 -4.69 13.14
CA PHE A 151 -1.78 -3.79 12.31
C PHE A 151 -1.63 -2.35 12.76
N VAL A 152 -1.47 -1.43 11.81
CA VAL A 152 -1.33 0.00 12.05
C VAL A 152 -2.45 0.70 11.27
N GLY A 153 -3.37 1.34 11.98
CA GLY A 153 -4.43 2.11 11.35
C GLY A 153 -4.01 3.56 11.11
N ILE A 154 -4.43 4.09 9.97
CA ILE A 154 -4.19 5.49 9.64
C ILE A 154 -5.43 6.27 10.06
N ARG A 155 -5.30 7.13 11.08
CA ARG A 155 -6.43 7.93 11.52
C ARG A 155 -6.97 8.77 10.37
N ARG A 156 -8.26 8.64 10.08
CA ARG A 156 -8.89 9.36 8.98
C ARG A 156 -10.16 10.05 9.45
N PRO A 157 -10.48 11.22 8.89
CA PRO A 157 -11.75 11.88 9.26
C PRO A 157 -12.96 11.10 8.76
N GLY A 158 -14.01 11.08 9.59
CA GLY A 158 -15.23 10.38 9.25
C GLY A 158 -15.32 8.98 9.84
N TYR A 159 -14.24 8.20 9.71
CA TYR A 159 -14.19 6.84 10.22
C TYR A 159 -13.66 6.81 11.65
N THR A 160 -14.13 5.84 12.41
CA THR A 160 -13.90 5.83 13.85
C THR A 160 -12.50 5.31 14.18
N THR A 161 -12.04 5.64 15.39
CA THR A 161 -10.80 5.14 15.95
C THR A 161 -11.01 3.91 16.84
N ASP A 162 -12.18 3.29 16.75
CA ASP A 162 -12.52 2.08 17.48
C ASP A 162 -12.47 0.88 16.55
N THR A 163 -12.13 -0.28 17.12
CA THR A 163 -12.18 -1.54 16.40
C THR A 163 -11.89 -2.72 17.32
N PRO A 164 -12.44 -3.90 17.03
CA PRO A 164 -11.86 -5.11 17.61
C PRO A 164 -10.45 -5.29 17.08
N TYR A 165 -9.79 -6.36 17.48
CA TYR A 165 -8.44 -6.66 17.02
C TYR A 165 -7.44 -5.65 17.56
N PRO A 166 -6.21 -6.05 17.75
CA PRO A 166 -5.20 -5.12 18.21
C PRO A 166 -4.65 -4.29 17.06
N VAL A 167 -5.20 -3.08 16.88
CA VAL A 167 -4.70 -2.09 15.93
C VAL A 167 -4.12 -0.93 16.73
N ILE A 168 -2.91 -0.51 16.37
CA ILE A 168 -2.39 0.76 16.89
C ILE A 168 -2.48 1.79 15.76
N TRP A 169 -2.50 3.07 16.13
CA TRP A 169 -2.88 4.11 15.19
C TRP A 169 -1.78 5.14 15.02
N VAL A 170 -1.74 5.73 13.82
N VAL A 170 -1.69 5.68 13.80
CA VAL A 170 -0.77 6.76 13.49
CA VAL A 170 -0.80 6.79 13.52
C VAL A 170 -1.48 7.86 12.70
C VAL A 170 -1.65 7.91 12.92
N ASP A 171 -1.10 9.12 12.96
CA ASP A 171 -1.70 10.29 12.32
C ASP A 171 -0.96 10.60 11.02
N VAL A 172 -1.71 10.82 9.94
CA VAL A 172 -1.15 11.10 8.62
C VAL A 172 -2.02 12.22 8.05
N PRO A 173 -1.46 13.26 7.43
CA PRO A 173 -2.31 14.27 6.79
C PRO A 173 -3.22 13.61 5.78
N GLU A 174 -4.51 13.93 5.86
CA GLU A 174 -5.49 13.40 4.92
C GLU A 174 -5.15 13.79 3.49
N ILE A 175 -4.97 12.79 2.62
CA ILE A 175 -4.74 12.99 1.19
C ILE A 175 -5.80 12.20 0.46
N ASP A 176 -6.81 12.89 -0.07
CA ASP A 176 -8.02 12.27 -0.62
C ASP A 176 -7.85 11.98 -2.10
N ILE A 177 -6.87 11.13 -2.40
CA ILE A 177 -6.57 10.67 -3.74
C ILE A 177 -6.76 9.15 -3.76
N SER A 178 -7.30 8.62 -4.85
CA SER A 178 -7.37 7.18 -5.03
C SER A 178 -7.02 6.83 -6.46
N SER A 179 -6.48 5.64 -6.67
CA SER A 179 -6.15 5.19 -8.02
C SER A 179 -7.34 5.33 -8.94
N THR A 180 -8.52 4.93 -8.47
CA THR A 180 -9.73 5.10 -9.29
C THR A 180 -9.93 6.54 -9.71
N LYS A 181 -9.76 7.49 -8.77
CA LYS A 181 -9.91 8.91 -9.08
C LYS A 181 -8.95 9.31 -10.21
N ILE A 182 -7.67 8.94 -10.06
CA ILE A 182 -6.66 9.28 -11.06
C ILE A 182 -7.04 8.70 -12.42
N ARG A 183 -7.33 7.39 -12.48
CA ARG A 183 -7.77 6.78 -13.74
C ARG A 183 -8.95 7.53 -14.33
N GLN A 184 -9.91 7.90 -13.50
CA GLN A 184 -11.05 8.65 -14.02
C GLN A 184 -10.60 9.98 -14.61
N LYS A 185 -9.68 10.66 -13.92
CA LYS A 185 -9.18 11.94 -14.42
C LYS A 185 -8.44 11.76 -15.74
N ILE A 186 -7.62 10.71 -15.85
CA ILE A 186 -6.94 10.41 -17.10
C ILE A 186 -7.95 10.15 -18.21
N LYS A 187 -8.97 9.32 -17.92
CA LYS A 187 -10.00 9.02 -18.91
C LYS A 187 -10.75 10.28 -19.33
N GLU A 188 -10.98 11.21 -18.40
CA GLU A 188 -11.66 12.45 -18.76
C GLU A 188 -10.72 13.53 -19.28
N GLY A 189 -9.41 13.25 -19.32
CA GLY A 189 -8.47 14.22 -19.84
C GLY A 189 -8.15 15.36 -18.91
N CYS A 190 -8.23 15.14 -17.61
CA CYS A 190 -7.97 16.17 -16.61
C CYS A 190 -6.53 16.05 -16.10
N SER A 191 -6.06 17.12 -15.48
CA SER A 191 -4.70 17.14 -14.95
C SER A 191 -4.55 16.20 -13.77
N ILE A 192 -3.41 15.52 -13.70
CA ILE A 192 -3.01 14.72 -12.55
C ILE A 192 -1.68 15.18 -11.99
N ARG A 193 -1.18 16.34 -12.44
CA ARG A 193 0.11 16.81 -11.93
C ARG A 193 0.02 17.05 -10.44
N TYR A 194 1.11 16.71 -9.74
CA TYR A 194 1.25 16.77 -8.29
C TYR A 194 0.45 15.67 -7.57
N LEU A 195 -0.67 15.20 -8.15
CA LEU A 195 -1.35 14.04 -7.57
C LEU A 195 -0.59 12.75 -7.81
N VAL A 196 0.31 12.75 -8.78
CA VAL A 196 1.03 11.55 -9.25
C VAL A 196 2.45 12.01 -9.54
N PRO A 197 3.47 11.24 -9.15
CA PRO A 197 4.86 11.68 -9.40
C PRO A 197 5.14 11.90 -10.87
N ASP A 198 6.04 12.86 -11.14
CA ASP A 198 6.32 13.27 -12.51
C ASP A 198 6.80 12.10 -13.35
N LYS A 199 7.70 11.28 -12.81
CA LYS A 199 8.17 10.11 -13.54
C LYS A 199 7.04 9.14 -13.86
N VAL A 200 6.06 9.03 -12.95
CA VAL A 200 4.93 8.13 -13.20
C VAL A 200 4.00 8.70 -14.27
N ILE A 201 3.72 10.02 -14.21
CA ILE A 201 2.92 10.66 -15.26
C ILE A 201 3.57 10.41 -16.63
N ASP A 202 4.87 10.62 -16.69
CA ASP A 202 5.61 10.41 -17.96
C ASP A 202 5.41 8.98 -18.45
N TYR A 203 5.44 8.00 -17.56
CA TYR A 203 5.32 6.59 -17.96
C TYR A 203 3.91 6.36 -18.49
N ILE A 204 2.92 6.83 -17.75
CA ILE A 204 1.50 6.67 -18.17
C ILE A 204 1.39 7.22 -19.57
N GLN A 205 1.91 8.40 -19.80
CA GLN A 205 1.75 8.97 -21.13
C GLN A 205 2.60 8.24 -22.15
N ASN A 206 3.80 7.82 -21.78
CA ASN A 206 4.68 7.13 -22.74
C ASN A 206 4.09 5.80 -23.17
N GLU A 207 3.48 5.06 -22.25
CA GLU A 207 2.88 3.78 -22.54
C GLU A 207 1.42 3.88 -22.93
N GLY A 208 0.82 5.07 -22.89
CA GLY A 208 -0.56 5.23 -23.28
C GLY A 208 -1.53 4.53 -22.36
N LEU A 209 -1.23 4.50 -21.07
CA LEU A 209 -2.07 3.83 -20.09
C LEU A 209 -3.31 4.66 -19.77
N TYR A 210 -4.39 3.96 -19.39
CA TYR A 210 -5.57 4.48 -18.71
C TYR A 210 -6.38 5.44 -19.57
N GLU A 211 -6.00 5.68 -20.81
CA GLU A 211 -6.72 6.62 -21.63
C GLU A 211 -7.83 5.95 -22.43
N TYR A 212 -8.18 4.73 -22.07
CA TYR A 212 -9.30 4.02 -22.69
C TYR A 212 -10.60 4.26 -21.92
S SO4 B . -8.04 -11.08 2.42
O1 SO4 B . -8.36 -11.84 3.70
O2 SO4 B . -6.74 -11.56 1.80
O3 SO4 B . -7.69 -9.63 2.70
O4 SO4 B . -9.20 -11.17 1.46
N9 ADE C . -5.58 4.24 -4.14
C8 ADE C . -6.52 4.46 -3.22
N7 ADE C . -6.82 3.32 -2.62
C5 ADE C . -6.05 2.34 -3.17
C6 ADE C . -5.91 0.93 -2.94
N6 ADE C . -6.70 0.25 -1.93
N1 ADE C . -5.07 0.25 -3.67
C2 ADE C . -4.34 0.87 -4.58
N3 ADE C . -4.42 2.14 -4.84
C4 ADE C . -5.29 2.92 -4.13
MG MG D . 14.74 -11.48 9.48
#